data_4FAB
#
_entry.id   4FAB
#
_cell.length_a   58.300
_cell.length_b   43.900
_cell.length_c   42.500
_cell.angle_alpha   82.10
_cell.angle_beta   87.30
_cell.angle_gamma   84.60
#
_symmetry.space_group_name_H-M   'P 1'
#
loop_
_entity.id
_entity.type
_entity.pdbx_description
1 polymer 'IGG2A-KAPPA 4-4-20 FAB (LIGHT CHAIN)'
2 polymer 'IGG2A-KAPPA 4-4-20 FAB (HEAVY CHAIN)'
3 non-polymer '2-(6-HYDROXY-3-OXO-3H-XANTHEN-9-YL)-BENZOIC ACID'
4 non-polymer (4S)-2-METHYL-2,4-PENTANEDIOL
#
loop_
_entity_poly.entity_id
_entity_poly.type
_entity_poly.pdbx_seq_one_letter_code
_entity_poly.pdbx_strand_id
1 'polypeptide(L)'
;DVVMTQTPLSLPVSLGDQASISCRSSQSLVHSQGNTYLRWYLQKPGQSPKVLIYKVSNRFSGVPDRFSGSGSGTDFTLKI
SRVEAEDLGVYFCSQSTHVPWTFGGGTKLEIKRADAAPTVSIFPPSSEQLTSGGASVVCFLNNFYPKDINVKWKIDGSER
QNGVLNSWTDQDSKDSTYSMSSTLTLTKDEYERHNSYTCEATHKTSTSPIVKSFNRNEC
;
L
2 'polypeptide(L)'
;EVKLDETGGGLVQPGRPMKLSCVASGFTFSDYWMNWVRQSPEKGLEWVAQIRNKPYNYETYYSDSVKGRFTISRDDSKSS
VYLQMNNLRVEDMGIYYCTGSYYGMDYWGQGTSVTVSSAKTTAPSVYPLAPVCGDTTGSSVTLGCLVKGYFPEPVTLTWN
SGSLSSGVHTFPAVLQSDLYTLSSSVTVTSSTWPSQSITCNVAHPASSTKVDKKIE
;
H
#
# COMPACT_ATOMS: atom_id res chain seq x y z
N ASP A 1 14.11 -20.35 -7.16
CA ASP A 1 12.72 -19.86 -7.18
C ASP A 1 12.32 -19.88 -8.66
N VAL A 2 11.06 -20.08 -8.95
CA VAL A 2 10.57 -19.99 -10.32
C VAL A 2 10.14 -18.54 -10.59
N VAL A 3 10.59 -17.99 -11.69
CA VAL A 3 10.10 -16.66 -12.12
C VAL A 3 8.65 -16.91 -12.59
N MET A 4 7.72 -16.42 -11.81
CA MET A 4 6.30 -16.47 -12.02
C MET A 4 5.70 -15.07 -12.27
N THR A 5 5.62 -14.62 -13.49
CA THR A 5 5.17 -13.28 -13.86
C THR A 5 3.77 -13.10 -14.36
N GLN A 6 3.24 -11.89 -14.30
CA GLN A 6 1.89 -11.53 -14.77
C GLN A 6 1.74 -10.39 -15.79
N THR A 7 0.79 -10.54 -16.73
CA THR A 7 0.48 -9.53 -17.75
C THR A 7 -1.03 -9.25 -17.86
N PRO A 8 -1.50 -8.02 -17.80
CA PRO A 8 -0.74 -6.80 -17.56
C PRO A 8 -0.56 -6.54 -16.09
N LEU A 9 0.09 -5.40 -15.75
CA LEU A 9 0.36 -5.18 -14.28
C LEU A 9 -0.89 -4.47 -13.69
N SER A 10 -1.55 -3.76 -14.58
CA SER A 10 -2.80 -3.09 -14.25
C SER A 10 -3.82 -3.48 -15.33
N LEU A 11 -5.08 -3.30 -15.07
CA LEU A 11 -6.11 -3.60 -16.05
C LEU A 11 -7.29 -2.64 -15.88
N PRO A 12 -7.44 -1.78 -16.86
CA PRO A 12 -8.59 -0.84 -16.83
C PRO A 12 -9.61 -1.50 -17.75
N VAL A 13 -10.77 -1.73 -17.14
CA VAL A 13 -11.91 -2.35 -17.90
C VAL A 13 -13.14 -1.63 -17.38
N SER A 14 -14.31 -2.17 -17.60
CA SER A 14 -15.54 -1.51 -17.09
C SER A 14 -16.51 -2.58 -16.68
N LEU A 15 -17.35 -2.32 -15.70
CA LEU A 15 -18.30 -3.32 -15.20
C LEU A 15 -19.28 -3.89 -16.21
N GLY A 16 -18.86 -4.89 -16.91
CA GLY A 16 -19.69 -5.60 -17.91
C GLY A 16 -18.66 -6.31 -18.81
N ASP A 17 -17.47 -5.76 -18.76
CA ASP A 17 -16.34 -6.22 -19.55
C ASP A 17 -15.80 -7.53 -18.91
N GLN A 18 -14.72 -7.95 -19.52
CA GLN A 18 -14.14 -9.26 -19.26
C GLN A 18 -12.63 -9.10 -19.32
N ALA A 19 -11.97 -9.97 -18.54
CA ALA A 19 -10.53 -9.97 -18.46
C ALA A 19 -9.99 -11.42 -18.48
N SER A 20 -8.82 -11.35 -19.07
CA SER A 20 -7.85 -12.46 -19.15
C SER A 20 -6.69 -11.72 -18.40
N ILE A 21 -6.30 -12.34 -17.30
CA ILE A 21 -5.08 -11.83 -16.62
C ILE A 21 -4.16 -13.06 -16.84
N SER A 22 -2.97 -12.72 -17.25
CA SER A 22 -1.90 -13.57 -17.65
C SER A 22 -0.96 -13.97 -16.50
N CYS A 23 -0.90 -15.28 -16.27
CA CYS A 23 0.34 -15.65 -15.41
C CYS A 23 1.15 -16.66 -16.20
N ARG A 24 2.49 -16.44 -16.25
CA ARG A 24 3.38 -17.46 -16.88
C ARG A 24 4.70 -17.56 -16.09
N SER A 25 5.31 -18.75 -16.27
CA SER A 25 6.41 -19.13 -15.34
C SER A 25 7.83 -19.40 -15.71
N SER A 26 8.51 -20.12 -14.79
CA SER A 26 9.96 -20.44 -14.92
C SER A 26 10.14 -21.78 -15.66
N GLN A 27 9.21 -22.67 -15.39
CA GLN A 27 9.18 -24.07 -15.90
C GLN A 27 7.77 -24.56 -15.64
N SER A 28 7.39 -25.67 -16.14
CA SER A 28 5.92 -26.05 -16.13
C SER A 28 5.55 -26.53 -14.76
N LEU A 29 4.64 -25.84 -14.07
CA LEU A 29 4.37 -26.17 -12.65
C LEU A 29 3.85 -27.59 -12.48
N VAL A 30 4.01 -28.41 -13.51
CA VAL A 30 3.49 -29.77 -13.47
C VAL A 30 4.27 -30.71 -12.55
N HIS A 31 3.71 -30.79 -11.34
CA HIS A 31 4.29 -31.70 -10.31
C HIS A 31 4.08 -33.11 -10.86
N SER A 32 4.64 -34.11 -10.17
CA SER A 32 4.47 -35.51 -10.46
C SER A 32 2.99 -35.86 -10.24
N GLN A 33 2.68 -35.98 -8.96
CA GLN A 33 1.29 -36.30 -8.54
C GLN A 33 0.59 -35.11 -7.92
N GLY A 34 -0.66 -34.97 -8.37
CA GLY A 34 -1.55 -33.87 -7.80
C GLY A 34 -1.38 -32.81 -8.93
N ASN A 35 -0.12 -32.91 -9.35
CA ASN A 35 0.45 -32.25 -10.51
C ASN A 35 0.59 -30.77 -10.52
N THR A 36 -0.17 -30.14 -11.36
CA THR A 36 0.07 -28.69 -11.67
C THR A 36 -0.26 -27.88 -10.44
N TYR A 37 0.82 -27.27 -9.94
CA TYR A 37 0.57 -26.48 -8.66
C TYR A 37 0.68 -25.00 -8.94
N LEU A 38 -0.50 -24.38 -9.13
CA LEU A 38 -0.73 -22.98 -9.39
C LEU A 38 -2.16 -22.50 -9.04
N ARG A 39 -2.17 -21.48 -8.20
CA ARG A 39 -3.31 -20.85 -7.53
C ARG A 39 -3.62 -19.43 -7.97
N TRP A 40 -4.83 -18.93 -7.78
CA TRP A 40 -5.23 -17.59 -8.15
C TRP A 40 -5.82 -16.85 -6.94
N TYR A 41 -5.16 -15.77 -6.57
CA TYR A 41 -5.56 -14.94 -5.44
C TYR A 41 -6.19 -13.60 -5.89
N LEU A 42 -7.27 -13.28 -5.21
CA LEU A 42 -7.93 -11.98 -5.29
C LEU A 42 -7.51 -11.36 -3.92
N GLN A 43 -7.21 -10.07 -3.94
CA GLN A 43 -6.91 -9.37 -2.69
C GLN A 43 -7.63 -8.01 -2.80
N LYS A 44 -8.46 -7.81 -1.80
CA LYS A 44 -9.22 -6.56 -1.69
C LYS A 44 -8.60 -5.80 -0.51
N PRO A 45 -8.92 -4.51 -0.44
CA PRO A 45 -8.22 -3.59 0.45
C PRO A 45 -8.20 -3.75 1.93
N GLY A 46 -6.97 -3.71 2.45
CA GLY A 46 -6.75 -4.00 3.91
C GLY A 46 -7.24 -5.45 4.16
N GLN A 47 -7.25 -6.24 3.09
CA GLN A 47 -7.79 -7.62 3.24
C GLN A 47 -6.75 -8.69 2.98
N SER A 48 -7.17 -9.89 3.38
CA SER A 48 -6.27 -11.08 3.20
C SER A 48 -6.58 -11.40 1.71
N PRO A 49 -5.60 -12.01 1.09
CA PRO A 49 -5.75 -12.39 -0.31
C PRO A 49 -6.43 -13.72 -0.48
N LYS A 50 -7.72 -13.77 -0.64
CA LYS A 50 -8.38 -15.12 -0.81
C LYS A 50 -7.97 -15.66 -2.15
N VAL A 51 -8.16 -16.93 -2.40
CA VAL A 51 -7.84 -17.63 -3.64
C VAL A 51 -9.22 -17.92 -4.27
N LEU A 52 -9.27 -17.90 -5.57
CA LEU A 52 -10.40 -18.22 -6.40
C LEU A 52 -10.28 -19.60 -7.12
N ILE A 53 -9.04 -19.98 -7.36
CA ILE A 53 -8.68 -21.14 -8.14
C ILE A 53 -7.37 -21.80 -7.78
N TYR A 54 -7.39 -23.13 -7.86
CA TYR A 54 -6.33 -24.03 -7.44
C TYR A 54 -6.09 -25.15 -8.46
N LYS A 55 -4.79 -25.46 -8.57
CA LYS A 55 -4.36 -26.52 -9.50
C LYS A 55 -4.96 -26.20 -10.87
N VAL A 56 -4.78 -24.95 -11.26
CA VAL A 56 -5.36 -24.39 -12.49
C VAL A 56 -6.89 -24.45 -12.51
N SER A 57 -7.49 -25.54 -12.90
CA SER A 57 -8.89 -25.68 -13.22
C SER A 57 -9.84 -25.58 -12.05
N ASN A 58 -9.37 -25.93 -10.84
CA ASN A 58 -10.33 -25.95 -9.71
C ASN A 58 -10.64 -24.60 -9.12
N ARG A 59 -11.90 -24.31 -9.14
CA ARG A 59 -12.54 -23.09 -8.67
C ARG A 59 -12.86 -23.42 -7.21
N PHE A 60 -12.67 -22.50 -6.31
CA PHE A 60 -12.87 -22.83 -4.88
C PHE A 60 -14.14 -22.20 -4.32
N SER A 61 -14.87 -23.01 -3.60
CA SER A 61 -16.13 -22.79 -2.94
C SER A 61 -16.47 -21.33 -2.78
N GLY A 62 -17.62 -20.97 -3.35
CA GLY A 62 -18.10 -19.57 -3.27
C GLY A 62 -17.58 -18.74 -4.43
N VAL A 63 -16.32 -18.98 -4.79
CA VAL A 63 -15.72 -18.29 -5.95
C VAL A 63 -16.87 -18.25 -6.98
N PRO A 64 -17.18 -17.03 -7.37
CA PRO A 64 -18.28 -16.82 -8.32
C PRO A 64 -17.94 -17.43 -9.67
N ASP A 65 -18.95 -17.88 -10.35
CA ASP A 65 -18.93 -18.49 -11.66
C ASP A 65 -18.21 -17.72 -12.75
N ARG A 66 -18.38 -16.42 -12.77
CA ARG A 66 -17.74 -15.56 -13.76
C ARG A 66 -16.23 -15.79 -13.78
N PHE A 67 -15.81 -16.71 -12.89
CA PHE A 67 -14.35 -16.95 -12.77
C PHE A 67 -13.96 -18.26 -13.43
N SER A 68 -12.83 -18.17 -14.13
CA SER A 68 -12.25 -19.41 -14.73
C SER A 68 -10.74 -19.43 -14.82
N GLY A 69 -10.23 -20.67 -14.82
CA GLY A 69 -8.80 -20.96 -14.92
C GLY A 69 -8.46 -21.81 -16.13
N SER A 70 -7.70 -21.20 -17.05
CA SER A 70 -7.14 -21.92 -18.20
C SER A 70 -5.64 -22.05 -17.83
N GLY A 71 -4.97 -22.84 -18.62
CA GLY A 71 -3.52 -23.00 -18.49
C GLY A 71 -3.12 -24.40 -18.98
N SER A 72 -1.82 -24.52 -19.06
CA SER A 72 -1.08 -25.75 -19.28
C SER A 72 0.42 -25.34 -19.18
N GLY A 73 1.04 -26.14 -18.29
CA GLY A 73 2.37 -26.14 -17.88
C GLY A 73 3.06 -24.89 -17.43
N THR A 74 3.36 -24.04 -18.37
CA THR A 74 4.29 -22.87 -18.07
C THR A 74 3.49 -21.65 -18.40
N ASP A 75 2.22 -21.96 -18.72
CA ASP A 75 1.29 -20.93 -19.22
C ASP A 75 -0.11 -20.94 -18.64
N PHE A 76 -0.55 -19.82 -18.12
CA PHE A 76 -1.88 -19.81 -17.47
C PHE A 76 -2.64 -18.49 -17.71
N THR A 77 -3.97 -18.66 -17.50
CA THR A 77 -4.86 -17.49 -17.70
C THR A 77 -6.06 -17.54 -16.80
N LEU A 78 -6.35 -16.44 -16.08
CA LEU A 78 -7.70 -16.56 -15.37
C LEU A 78 -8.53 -15.47 -16.11
N LYS A 79 -9.82 -15.73 -15.97
CA LYS A 79 -10.78 -14.94 -16.77
C LYS A 79 -12.04 -14.63 -15.97
N ILE A 80 -12.25 -13.30 -15.93
CA ILE A 80 -13.54 -12.75 -15.43
C ILE A 80 -14.26 -12.70 -16.82
N SER A 81 -15.45 -13.27 -16.84
CA SER A 81 -16.15 -13.21 -18.19
C SER A 81 -17.21 -12.12 -18.08
N ARG A 82 -16.83 -11.16 -17.19
CA ARG A 82 -17.74 -10.02 -16.92
C ARG A 82 -17.59 -9.47 -15.54
N VAL A 83 -16.89 -8.39 -15.38
CA VAL A 83 -16.46 -7.77 -14.13
C VAL A 83 -17.51 -7.00 -13.37
N GLU A 84 -18.08 -7.60 -12.32
CA GLU A 84 -18.88 -6.80 -11.38
C GLU A 84 -17.67 -6.14 -10.58
N ALA A 85 -17.92 -4.94 -10.17
CA ALA A 85 -17.05 -4.21 -9.26
C ALA A 85 -16.55 -4.95 -8.02
N GLU A 86 -17.26 -6.00 -7.61
CA GLU A 86 -16.96 -6.78 -6.43
C GLU A 86 -15.58 -7.40 -6.69
N ASP A 87 -15.41 -7.59 -7.97
CA ASP A 87 -14.18 -8.19 -8.55
C ASP A 87 -13.01 -7.25 -8.47
N LEU A 88 -13.25 -6.03 -7.97
CA LEU A 88 -12.20 -4.99 -7.98
C LEU A 88 -11.06 -5.43 -7.07
N GLY A 89 -9.81 -5.32 -7.48
CA GLY A 89 -8.73 -5.80 -6.65
C GLY A 89 -7.44 -6.15 -7.38
N VAL A 90 -6.53 -6.71 -6.56
CA VAL A 90 -5.22 -7.17 -7.14
C VAL A 90 -5.46 -8.68 -7.38
N TYR A 91 -5.02 -9.16 -8.55
CA TYR A 91 -5.03 -10.60 -8.83
C TYR A 91 -3.58 -11.13 -8.97
N PHE A 92 -3.33 -12.19 -8.20
CA PHE A 92 -1.99 -12.82 -8.14
C PHE A 92 -2.19 -14.29 -8.58
N CYS A 93 -1.09 -14.87 -9.04
CA CYS A 93 -1.01 -16.25 -9.48
C CYS A 93 0.19 -16.77 -8.63
N SER A 94 -0.10 -17.82 -7.88
CA SER A 94 0.95 -18.37 -7.01
C SER A 94 1.22 -19.80 -7.49
N GLN A 95 2.38 -20.31 -7.13
CA GLN A 95 2.71 -21.67 -7.51
C GLN A 95 3.31 -22.40 -6.25
N SER A 96 2.67 -23.58 -6.20
CA SER A 96 2.92 -24.52 -5.08
C SER A 96 3.46 -25.84 -5.59
N THR A 97 4.16 -25.87 -6.70
CA THR A 97 4.76 -27.04 -7.27
C THR A 97 6.28 -27.00 -6.97
N HIS A 98 6.83 -25.83 -7.26
CA HIS A 98 8.25 -25.59 -7.02
C HIS A 98 8.69 -24.65 -5.91
N VAL A 99 8.95 -25.31 -4.76
CA VAL A 99 9.62 -24.56 -3.61
C VAL A 99 10.58 -23.63 -4.37
N PRO A 100 10.71 -22.39 -3.96
CA PRO A 100 10.09 -21.76 -2.82
C PRO A 100 8.67 -21.27 -2.85
N TRP A 101 7.89 -21.61 -3.86
CA TRP A 101 6.45 -21.18 -3.81
C TRP A 101 6.51 -19.67 -4.11
N THR A 102 5.55 -19.31 -4.98
CA THR A 102 5.63 -17.93 -5.54
C THR A 102 4.34 -17.22 -5.88
N PHE A 103 4.42 -15.91 -5.74
CA PHE A 103 3.32 -14.97 -6.04
C PHE A 103 3.81 -14.14 -7.21
N GLY A 104 2.96 -13.87 -8.20
CA GLY A 104 3.42 -12.91 -9.26
C GLY A 104 3.02 -11.51 -8.80
N GLY A 105 3.78 -10.52 -9.28
CA GLY A 105 3.52 -9.10 -9.07
C GLY A 105 2.07 -8.67 -8.82
N GLY A 106 1.13 -9.48 -9.24
CA GLY A 106 -0.30 -9.15 -9.13
C GLY A 106 -0.56 -8.28 -10.38
N THR A 107 -1.83 -8.06 -10.58
CA THR A 107 -2.38 -7.39 -11.77
C THR A 107 -3.61 -6.66 -11.27
N LYS A 108 -3.60 -5.37 -11.30
CA LYS A 108 -4.70 -4.61 -10.65
C LYS A 108 -5.88 -4.24 -11.50
N LEU A 109 -7.05 -4.77 -11.15
CA LEU A 109 -8.34 -4.47 -11.77
C LEU A 109 -8.74 -3.03 -11.40
N GLU A 110 -9.14 -2.35 -12.45
CA GLU A 110 -9.40 -0.91 -12.40
C GLU A 110 -10.62 -0.54 -13.24
N ILE A 111 -11.36 0.43 -12.73
CA ILE A 111 -12.40 1.04 -13.57
C ILE A 111 -11.57 1.91 -14.55
N LYS A 112 -11.99 1.77 -15.78
CA LYS A 112 -11.51 2.42 -16.98
C LYS A 112 -12.45 3.59 -17.29
N ARG A 113 -11.94 4.77 -17.12
CA ARG A 113 -12.69 5.99 -17.34
C ARG A 113 -11.73 6.86 -18.22
N ALA A 114 -12.17 8.08 -18.31
CA ALA A 114 -11.47 9.22 -18.90
C ALA A 114 -11.04 10.04 -17.65
N ASP A 115 -11.86 11.04 -17.38
CA ASP A 115 -11.83 11.99 -16.33
C ASP A 115 -10.63 12.91 -16.18
N ALA A 116 -9.38 12.72 -16.59
CA ALA A 116 -8.40 13.70 -16.04
C ALA A 116 -6.93 13.80 -16.08
N ALA A 117 -6.48 15.03 -15.84
CA ALA A 117 -5.13 15.56 -15.70
C ALA A 117 -5.12 16.19 -14.28
N PRO A 118 -3.98 16.02 -13.66
CA PRO A 118 -3.82 16.46 -12.26
C PRO A 118 -3.98 17.95 -12.13
N THR A 119 -4.73 18.35 -11.08
CA THR A 119 -4.65 19.84 -10.76
C THR A 119 -3.47 19.95 -9.76
N VAL A 120 -2.37 20.47 -10.31
CA VAL A 120 -1.14 20.62 -9.50
C VAL A 120 -1.53 21.77 -8.58
N SER A 121 -0.89 21.81 -7.43
CA SER A 121 -1.18 22.93 -6.46
C SER A 121 0.03 22.97 -5.56
N ILE A 122 0.62 24.12 -5.36
CA ILE A 122 1.92 24.22 -4.63
C ILE A 122 1.75 25.00 -3.34
N PHE A 123 2.66 24.74 -2.36
CA PHE A 123 2.56 25.34 -1.03
C PHE A 123 3.87 25.51 -0.24
N PRO A 124 4.25 26.76 -0.06
CA PRO A 124 5.45 27.16 0.66
C PRO A 124 5.40 26.91 2.16
N PRO A 125 6.64 26.73 2.66
CA PRO A 125 6.82 26.37 4.09
C PRO A 125 5.94 27.24 4.96
N SER A 126 5.52 26.65 6.06
CA SER A 126 4.64 27.38 7.04
C SER A 126 5.48 28.21 8.01
N SER A 127 4.84 29.29 8.49
CA SER A 127 5.71 30.21 9.35
C SER A 127 6.22 29.29 10.46
N GLU A 128 5.34 28.66 11.18
CA GLU A 128 5.74 27.86 12.36
C GLU A 128 6.77 26.79 11.98
N GLN A 129 6.72 26.44 10.70
CA GLN A 129 7.56 25.29 10.28
C GLN A 129 8.99 25.87 10.39
N LEU A 130 8.97 27.04 9.75
CA LEU A 130 10.28 27.76 9.58
C LEU A 130 10.76 27.99 11.01
N THR A 131 9.84 28.44 11.85
CA THR A 131 10.24 28.80 13.23
C THR A 131 10.37 27.50 14.01
N SER A 132 10.50 26.44 13.26
CA SER A 132 10.79 25.08 13.75
C SER A 132 12.19 24.67 13.27
N GLY A 133 12.84 25.56 12.58
CA GLY A 133 14.06 25.37 11.85
C GLY A 133 13.82 24.38 10.70
N GLY A 134 12.51 24.07 10.53
CA GLY A 134 12.16 23.05 9.48
C GLY A 134 11.50 23.69 8.28
N ALA A 135 11.79 23.13 7.07
CA ALA A 135 11.08 23.70 5.88
C ALA A 135 10.84 22.74 4.74
N SER A 136 9.54 22.45 4.57
CA SER A 136 9.08 21.55 3.51
C SER A 136 7.99 22.19 2.66
N VAL A 137 8.31 22.33 1.36
CA VAL A 137 7.29 22.83 0.39
C VAL A 137 6.56 21.61 -0.20
N VAL A 138 5.28 21.82 -0.43
CA VAL A 138 4.36 20.77 -0.92
C VAL A 138 3.60 20.91 -2.22
N CYS A 139 3.46 19.82 -2.98
CA CYS A 139 2.76 19.81 -4.29
C CYS A 139 1.66 18.74 -4.30
N PHE A 140 0.48 19.05 -4.79
CA PHE A 140 -0.61 18.12 -4.97
C PHE A 140 -1.17 18.15 -6.46
N LEU A 141 -1.05 16.96 -7.01
CA LEU A 141 -1.63 16.64 -8.34
C LEU A 141 -2.96 15.99 -7.98
N ASN A 142 -4.06 16.70 -8.13
CA ASN A 142 -5.38 16.20 -7.68
C ASN A 142 -6.28 15.78 -8.85
N ASN A 143 -6.81 14.58 -8.70
CA ASN A 143 -7.75 13.93 -9.60
C ASN A 143 -7.27 13.59 -11.00
N PHE A 144 -6.41 12.56 -11.10
CA PHE A 144 -5.85 12.32 -12.47
C PHE A 144 -6.23 10.91 -12.92
N TYR A 145 -6.04 10.71 -14.24
CA TYR A 145 -6.31 9.45 -14.90
C TYR A 145 -5.68 9.53 -16.28
N PRO A 146 -4.95 8.52 -16.74
CA PRO A 146 -4.58 7.31 -16.05
C PRO A 146 -3.59 7.59 -14.92
N LYS A 147 -3.24 6.51 -14.22
CA LYS A 147 -2.50 6.73 -12.96
C LYS A 147 -1.15 7.34 -13.23
N ASP A 148 -0.32 6.81 -14.07
CA ASP A 148 1.05 7.26 -14.29
C ASP A 148 1.29 8.75 -14.54
N ILE A 149 1.99 9.37 -13.57
CA ILE A 149 2.50 10.71 -13.59
C ILE A 149 4.04 10.49 -13.22
N ASN A 150 4.64 11.67 -13.15
CA ASN A 150 6.00 11.67 -12.52
C ASN A 150 6.11 13.06 -11.91
N VAL A 151 6.45 13.14 -10.63
CA VAL A 151 6.78 14.42 -10.02
C VAL A 151 8.33 14.59 -9.84
N LYS A 152 8.69 15.87 -10.00
CA LYS A 152 10.04 16.38 -9.93
C LYS A 152 10.07 17.73 -9.23
N TRP A 153 11.22 18.10 -8.66
CA TRP A 153 11.35 19.36 -7.94
C TRP A 153 12.64 20.05 -8.38
N LYS A 154 12.53 21.37 -8.54
CA LYS A 154 13.53 22.24 -9.09
C LYS A 154 13.85 23.45 -8.25
N ILE A 155 15.04 23.47 -7.68
CA ILE A 155 15.44 24.63 -6.86
C ILE A 155 16.40 25.50 -7.68
N ASP A 156 15.93 26.71 -7.92
CA ASP A 156 16.77 27.79 -8.51
C ASP A 156 17.08 27.49 -9.96
N GLY A 157 16.13 26.73 -10.48
CA GLY A 157 15.97 26.25 -11.83
C GLY A 157 16.63 24.91 -12.05
N SER A 158 17.50 24.47 -11.15
CA SER A 158 18.20 23.20 -11.52
C SER A 158 18.50 22.33 -10.30
N GLU A 159 17.38 21.86 -9.71
CA GLU A 159 17.63 20.96 -8.54
C GLU A 159 17.23 19.54 -8.81
N ARG A 160 17.02 18.79 -7.72
CA ARG A 160 16.82 17.35 -7.78
C ARG A 160 16.58 16.76 -6.41
N GLN A 161 16.62 17.61 -5.40
CA GLN A 161 16.75 17.16 -4.00
C GLN A 161 16.32 15.70 -3.75
N ASN A 162 16.85 15.32 -2.56
CA ASN A 162 16.61 13.95 -2.00
C ASN A 162 15.33 14.01 -1.21
N GLY A 163 15.13 14.97 -0.33
CA GLY A 163 14.01 15.11 0.53
C GLY A 163 12.58 14.96 0.17
N VAL A 164 12.17 14.09 -0.73
CA VAL A 164 10.81 13.92 -1.16
C VAL A 164 9.98 12.80 -0.57
N LEU A 165 8.85 13.14 0.01
CA LEU A 165 7.87 12.15 0.51
C LEU A 165 6.67 12.21 -0.49
N ASN A 166 6.71 11.16 -1.31
CA ASN A 166 5.65 10.89 -2.30
C ASN A 166 4.66 9.88 -1.70
N SER A 167 3.43 10.33 -1.75
CA SER A 167 2.26 9.58 -1.27
C SER A 167 1.23 9.66 -2.43
N TRP A 168 0.50 8.56 -2.45
CA TRP A 168 -0.38 8.18 -3.55
C TRP A 168 -1.70 7.62 -3.07
N THR A 169 -2.78 7.88 -3.77
CA THR A 169 -4.09 7.28 -3.39
C THR A 169 -4.96 6.88 -4.56
N ASP A 170 -5.30 5.62 -4.67
CA ASP A 170 -6.19 5.11 -5.76
C ASP A 170 -7.61 5.50 -5.42
N GLN A 171 -8.57 5.76 -6.34
CA GLN A 171 -9.94 5.95 -5.83
C GLN A 171 -10.73 4.65 -6.11
N ASP A 172 -11.64 4.34 -5.23
CA ASP A 172 -12.65 3.27 -5.54
C ASP A 172 -13.97 3.73 -4.85
N SER A 173 -14.51 4.74 -5.51
CA SER A 173 -15.78 5.42 -5.16
C SER A 173 -16.12 6.20 -6.42
N LYS A 174 -16.87 7.21 -6.55
CA LYS A 174 -17.19 7.98 -7.70
C LYS A 174 -16.42 8.08 -9.02
N ASP A 175 -15.54 9.07 -9.11
CA ASP A 175 -14.83 9.48 -10.29
C ASP A 175 -13.69 8.60 -10.77
N SER A 176 -13.43 7.53 -10.11
CA SER A 176 -12.38 6.58 -10.59
C SER A 176 -11.02 7.14 -10.81
N THR A 177 -10.68 8.31 -10.27
CA THR A 177 -9.46 9.04 -10.23
C THR A 177 -8.47 8.73 -9.10
N TYR A 178 -7.19 9.00 -9.44
CA TYR A 178 -6.09 8.81 -8.47
C TYR A 178 -5.30 10.10 -8.22
N SER A 179 -4.97 10.32 -6.94
CA SER A 179 -4.22 11.53 -6.55
C SER A 179 -2.86 11.33 -5.85
N MET A 180 -2.12 12.46 -5.91
CA MET A 180 -0.69 12.42 -5.49
C MET A 180 -0.15 13.65 -4.77
N SER A 181 0.42 13.37 -3.56
CA SER A 181 1.03 14.48 -2.81
C SER A 181 2.54 14.15 -2.74
N SER A 182 3.32 15.22 -2.85
CA SER A 182 4.78 15.12 -2.92
C SER A 182 5.33 16.27 -2.03
N THR A 183 6.36 15.89 -1.30
CA THR A 183 6.89 16.78 -0.24
C THR A 183 8.38 16.94 -0.15
N LEU A 184 8.83 18.22 -0.34
CA LEU A 184 10.28 18.47 -0.25
C LEU A 184 10.49 19.01 1.19
N THR A 185 11.41 18.30 1.85
CA THR A 185 11.81 18.70 3.21
C THR A 185 13.30 19.13 3.09
N LEU A 186 13.59 20.21 3.79
CA LEU A 186 14.83 20.95 3.82
C LEU A 186 15.06 21.52 5.23
N THR A 187 16.24 22.06 5.41
CA THR A 187 16.50 22.89 6.61
C THR A 187 15.90 24.30 6.41
N LYS A 188 15.70 24.99 7.52
CA LYS A 188 15.35 26.43 7.45
C LYS A 188 16.54 27.14 6.76
N ASP A 189 17.68 26.48 6.94
CA ASP A 189 18.97 26.97 6.35
C ASP A 189 18.89 26.91 4.84
N GLU A 190 18.67 25.74 4.25
CA GLU A 190 18.57 25.65 2.77
C GLU A 190 17.35 26.45 2.28
N TYR A 191 16.30 26.44 3.10
CA TYR A 191 15.09 27.16 2.66
C TYR A 191 15.35 28.65 2.41
N GLU A 192 15.90 29.33 3.40
CA GLU A 192 16.26 30.76 3.13
C GLU A 192 17.50 30.87 2.28
N ARG A 193 18.03 29.76 1.76
CA ARG A 193 19.16 29.78 0.84
C ARG A 193 18.69 29.84 -0.64
N HIS A 194 17.54 29.22 -0.85
CA HIS A 194 17.04 29.35 -2.28
C HIS A 194 15.78 30.19 -2.22
N ASN A 195 15.27 30.49 -3.39
CA ASN A 195 14.08 31.28 -3.61
C ASN A 195 13.17 30.63 -4.64
N SER A 196 13.76 30.18 -5.74
CA SER A 196 12.93 29.67 -6.87
C SER A 196 12.57 28.22 -6.65
N TYR A 197 11.34 28.01 -6.11
CA TYR A 197 10.92 26.59 -5.92
C TYR A 197 9.92 26.19 -6.99
N THR A 198 10.20 24.98 -7.52
CA THR A 198 9.35 24.38 -8.57
C THR A 198 9.11 22.87 -8.48
N CYS A 199 7.88 22.54 -8.87
CA CYS A 199 7.27 21.23 -8.91
C CYS A 199 6.87 20.87 -10.32
N GLU A 200 7.66 20.08 -11.03
CA GLU A 200 7.37 19.77 -12.45
C GLU A 200 7.13 18.28 -12.60
N ALA A 201 6.00 17.93 -13.13
CA ALA A 201 5.44 16.65 -13.41
C ALA A 201 4.94 16.41 -14.86
N THR A 202 5.32 15.22 -15.34
CA THR A 202 4.97 14.79 -16.72
C THR A 202 3.94 13.70 -16.65
N HIS A 203 2.90 13.84 -17.44
CA HIS A 203 1.76 12.93 -17.59
C HIS A 203 1.32 12.50 -18.99
N LYS A 204 0.40 11.51 -18.96
CA LYS A 204 -0.18 10.94 -20.18
C LYS A 204 -0.77 12.11 -21.01
N THR A 205 -1.84 12.66 -20.49
CA THR A 205 -2.54 13.78 -21.06
C THR A 205 -1.57 14.91 -21.38
N SER A 206 -0.34 14.80 -20.86
CA SER A 206 0.58 15.93 -20.91
C SER A 206 0.88 16.50 -22.29
N THR A 207 1.98 16.05 -22.83
CA THR A 207 2.64 16.48 -24.03
C THR A 207 3.93 17.17 -23.43
N SER A 208 3.61 18.32 -22.87
CA SER A 208 4.63 19.06 -22.11
C SER A 208 4.33 18.97 -20.60
N PRO A 209 5.48 18.98 -19.91
CA PRO A 209 5.53 19.03 -18.44
C PRO A 209 4.55 19.99 -17.81
N ILE A 210 3.89 19.54 -16.76
CA ILE A 210 2.96 20.18 -15.90
C ILE A 210 3.85 20.74 -14.73
N VAL A 211 3.92 22.01 -14.57
CA VAL A 211 4.78 22.50 -13.47
C VAL A 211 3.97 23.53 -12.66
N LYS A 212 4.40 23.62 -11.42
CA LYS A 212 3.81 24.66 -10.50
C LYS A 212 5.04 25.28 -9.88
N SER A 213 5.01 26.57 -9.59
CA SER A 213 6.14 27.29 -9.05
C SER A 213 5.80 28.50 -8.21
N PHE A 214 6.80 28.80 -7.36
CA PHE A 214 6.61 29.91 -6.34
C PHE A 214 7.99 30.46 -6.02
N ASN A 215 8.04 31.70 -5.50
CA ASN A 215 9.42 32.30 -5.30
C ASN A 215 9.61 32.97 -3.97
N ARG A 216 10.41 32.36 -3.13
CA ARG A 216 10.70 32.81 -1.74
C ARG A 216 10.52 34.34 -1.75
N ASN A 217 11.28 34.92 -2.70
CA ASN A 217 11.17 36.34 -2.97
C ASN A 217 9.72 36.68 -3.34
N GLU A 218 9.15 35.98 -4.30
CA GLU A 218 7.82 36.25 -4.82
C GLU A 218 7.21 35.12 -5.64
N CYS A 219 5.89 35.02 -5.45
CA CYS A 219 4.92 34.05 -5.88
C CYS A 219 3.67 34.58 -5.11
N GLU B 1 -16.14 -23.63 6.50
CA GLU B 1 -15.88 -23.38 7.94
C GLU B 1 -14.42 -23.66 8.26
N VAL B 2 -13.60 -22.64 8.49
CA VAL B 2 -12.18 -22.77 8.74
C VAL B 2 -11.51 -21.51 9.29
N LYS B 3 -10.64 -21.66 10.32
CA LYS B 3 -9.93 -20.39 10.70
C LYS B 3 -8.45 -20.51 10.92
N LEU B 4 -7.75 -19.52 10.43
CA LEU B 4 -6.31 -19.28 10.61
C LEU B 4 -6.31 -17.93 11.36
N ASP B 5 -5.53 -17.91 12.45
CA ASP B 5 -5.43 -16.72 13.26
C ASP B 5 -3.95 -16.45 13.62
N GLU B 6 -3.58 -15.29 13.13
CA GLU B 6 -2.25 -14.75 13.46
C GLU B 6 -2.51 -13.94 14.75
N THR B 7 -1.95 -14.57 15.74
CA THR B 7 -1.92 -14.03 17.13
C THR B 7 -0.47 -13.54 17.38
N GLY B 8 -0.49 -12.27 17.82
CA GLY B 8 0.41 -11.35 18.19
C GLY B 8 1.57 -10.71 17.58
N GLY B 9 1.40 -9.56 16.91
CA GLY B 9 2.59 -8.85 16.34
C GLY B 9 2.66 -7.45 16.94
N GLY B 10 3.52 -6.63 16.31
CA GLY B 10 3.64 -5.23 16.69
C GLY B 10 4.94 -4.56 16.35
N LEU B 11 5.38 -3.79 17.33
CA LEU B 11 6.59 -3.00 17.34
C LEU B 11 7.77 -3.88 17.82
N VAL B 12 8.91 -3.61 17.24
CA VAL B 12 10.14 -4.30 17.66
C VAL B 12 11.32 -3.59 16.98
N GLN B 13 12.44 -3.64 17.75
CA GLN B 13 13.46 -2.55 17.33
C GLN B 13 14.52 -3.30 16.58
N PRO B 14 15.01 -2.62 15.59
CA PRO B 14 15.98 -3.34 14.63
C PRO B 14 16.67 -4.29 15.55
N GLY B 15 17.01 -5.55 15.21
CA GLY B 15 17.53 -6.44 16.20
C GLY B 15 17.43 -7.81 16.63
N ARG B 16 16.47 -8.25 17.52
CA ARG B 16 16.60 -9.67 18.01
C ARG B 16 15.45 -10.50 18.51
N PRO B 17 14.26 -10.39 17.86
CA PRO B 17 13.06 -11.04 18.39
C PRO B 17 11.85 -11.57 17.71
N MET B 18 10.71 -11.30 18.39
CA MET B 18 9.32 -11.58 18.16
C MET B 18 9.06 -12.98 17.59
N LYS B 19 8.26 -13.71 18.34
CA LYS B 19 7.79 -15.04 18.20
C LYS B 19 6.29 -14.75 17.87
N LEU B 20 5.84 -15.36 16.83
CA LEU B 20 4.56 -15.17 16.25
C LEU B 20 3.72 -16.45 16.36
N SER B 21 2.46 -16.16 16.69
CA SER B 21 1.53 -17.24 17.01
C SER B 21 0.34 -17.40 16.14
N CYS B 22 0.27 -18.38 15.26
CA CYS B 22 -0.93 -18.63 14.42
C CYS B 22 -1.63 -19.87 15.04
N VAL B 23 -2.91 -19.88 14.81
CA VAL B 23 -3.85 -20.89 15.30
C VAL B 23 -4.94 -21.22 14.30
N ALA B 24 -5.01 -22.51 13.94
CA ALA B 24 -5.98 -22.92 12.88
C ALA B 24 -7.09 -23.85 13.26
N SER B 25 -8.28 -23.33 13.62
CA SER B 25 -9.41 -24.13 14.08
C SER B 25 -10.49 -24.46 13.06
N GLY B 26 -10.55 -25.74 12.66
CA GLY B 26 -11.58 -26.13 11.67
C GLY B 26 -11.09 -27.07 10.57
N PHE B 27 -10.05 -27.80 10.92
CA PHE B 27 -9.46 -28.86 10.02
C PHE B 27 -8.50 -29.67 10.89
N THR B 28 -8.06 -30.81 10.38
CA THR B 28 -7.16 -31.66 11.19
C THR B 28 -5.79 -30.99 11.32
N PHE B 29 -5.66 -29.91 12.06
CA PHE B 29 -4.33 -29.23 12.05
C PHE B 29 -3.34 -30.33 11.60
N SER B 30 -3.37 -31.31 12.48
CA SER B 30 -2.57 -32.53 12.44
C SER B 30 -2.09 -32.84 11.05
N ASP B 31 -2.94 -33.30 10.19
CA ASP B 31 -2.64 -33.76 8.84
C ASP B 31 -2.32 -32.79 7.76
N TYR B 32 -2.17 -31.51 8.04
CA TYR B 32 -1.94 -30.44 7.07
C TYR B 32 -0.49 -30.00 6.89
N TRP B 33 -0.35 -28.95 6.12
CA TRP B 33 0.95 -28.35 5.67
C TRP B 33 0.82 -26.85 5.97
N MET B 34 1.55 -26.39 6.97
CA MET B 34 1.34 -25.02 7.51
C MET B 34 2.51 -24.11 7.22
N ASN B 35 2.16 -22.82 7.14
CA ASN B 35 3.27 -21.89 6.69
C ASN B 35 2.92 -20.41 6.94
N TRP B 36 3.95 -19.58 6.75
CA TRP B 36 3.94 -18.15 6.96
C TRP B 36 4.52 -17.44 5.73
N VAL B 37 3.65 -16.55 5.23
CA VAL B 37 3.87 -15.71 4.05
C VAL B 37 3.66 -14.22 4.34
N ARG B 38 4.46 -13.37 3.70
CA ARG B 38 4.39 -11.92 4.05
C ARG B 38 4.19 -11.00 2.87
N GLN B 39 3.71 -9.76 3.18
CA GLN B 39 3.85 -8.74 2.06
C GLN B 39 3.92 -7.35 2.71
N SER B 40 5.13 -6.94 3.01
CA SER B 40 5.17 -5.63 3.75
C SER B 40 4.22 -4.78 2.89
N PRO B 41 3.58 -3.86 3.55
CA PRO B 41 2.86 -2.77 2.89
C PRO B 41 3.24 -2.47 1.45
N GLU B 42 4.32 -1.77 1.30
CA GLU B 42 5.00 -1.37 0.08
C GLU B 42 5.88 -2.53 -0.41
N LYS B 43 5.34 -3.69 -0.19
CA LYS B 43 5.84 -5.02 -0.46
C LYS B 43 4.72 -5.90 -1.04
N GLY B 44 5.18 -6.93 -1.73
CA GLY B 44 4.27 -7.87 -2.43
C GLY B 44 4.28 -9.15 -1.60
N LEU B 45 3.45 -10.12 -1.99
CA LEU B 45 3.46 -11.37 -1.14
C LEU B 45 4.77 -12.05 -1.50
N GLU B 46 5.45 -12.56 -0.49
CA GLU B 46 6.68 -13.33 -0.59
C GLU B 46 6.41 -14.51 0.37
N TRP B 47 7.14 -15.59 0.26
CA TRP B 47 6.86 -16.77 1.08
C TRP B 47 8.05 -17.04 2.02
N VAL B 48 7.68 -17.26 3.27
CA VAL B 48 8.62 -17.33 4.38
C VAL B 48 8.98 -18.66 4.97
N ALA B 49 7.98 -19.29 5.63
CA ALA B 49 8.27 -20.58 6.31
C ALA B 49 7.23 -21.63 6.01
N GLN B 50 7.73 -22.88 5.94
CA GLN B 50 6.78 -24.02 5.86
C GLN B 50 7.31 -25.28 6.58
N ILE B 51 6.31 -25.90 7.22
CA ILE B 51 6.44 -27.16 7.94
C ILE B 51 5.27 -28.05 7.54
N ARG B 52 5.46 -29.33 7.59
CA ARG B 52 4.43 -30.31 7.16
C ARG B 52 3.83 -31.10 8.28
N ASN B 53 3.70 -32.41 8.10
CA ASN B 53 3.17 -33.24 9.25
C ASN B 53 3.79 -34.61 9.36
N LYS B 54 3.07 -35.48 10.08
CA LYS B 54 3.59 -36.82 10.46
C LYS B 54 4.19 -37.49 9.25
N PRO B 55 3.39 -37.70 8.21
CA PRO B 55 3.83 -38.46 7.03
C PRO B 55 5.09 -37.95 6.38
N TYR B 56 5.39 -36.71 6.66
CA TYR B 56 6.47 -35.93 6.08
C TYR B 56 7.58 -35.59 7.02
N ASN B 57 7.46 -36.15 8.23
CA ASN B 57 8.32 -35.99 9.40
C ASN B 57 8.24 -34.59 10.05
N TYR B 58 7.23 -33.87 9.55
CA TYR B 58 6.99 -32.48 9.95
C TYR B 58 8.16 -31.78 9.24
N GLU B 59 8.38 -32.16 7.97
CA GLU B 59 9.61 -31.50 7.39
C GLU B 59 9.45 -30.01 7.67
N THR B 60 10.59 -29.32 7.71
CA THR B 60 10.59 -27.86 7.76
C THR B 60 11.69 -27.26 6.86
N TYR B 61 11.15 -26.41 5.97
CA TYR B 61 12.02 -25.54 5.18
C TYR B 61 11.51 -24.09 5.49
N TYR B 62 12.51 -23.24 5.38
CA TYR B 62 12.51 -21.82 5.61
C TYR B 62 13.25 -21.09 4.49
N SER B 63 12.67 -20.09 3.90
CA SER B 63 13.31 -19.39 2.77
C SER B 63 14.60 -18.68 3.09
N ASP B 64 15.42 -18.53 2.05
CA ASP B 64 16.67 -17.73 2.14
C ASP B 64 16.32 -16.46 2.92
N SER B 65 15.54 -15.62 2.27
CA SER B 65 15.09 -14.35 2.87
C SER B 65 15.28 -14.41 4.39
N VAL B 66 14.84 -15.47 5.05
CA VAL B 66 15.07 -15.54 6.50
C VAL B 66 15.52 -16.88 7.03
N LYS B 67 15.79 -17.83 6.17
CA LYS B 67 16.30 -19.17 6.46
C LYS B 67 16.68 -19.30 7.94
N GLY B 68 17.97 -19.54 8.14
CA GLY B 68 18.65 -19.69 9.40
C GLY B 68 18.40 -18.63 10.43
N ARG B 69 17.65 -17.58 10.11
CA ARG B 69 17.33 -16.57 11.15
C ARG B 69 15.92 -16.73 11.72
N PHE B 70 14.94 -16.94 10.91
CA PHE B 70 13.52 -17.13 11.19
C PHE B 70 13.21 -18.56 11.58
N THR B 71 12.13 -18.83 12.37
CA THR B 71 11.67 -20.22 12.46
C THR B 71 10.19 -20.45 12.81
N ILE B 72 9.70 -21.42 12.03
CA ILE B 72 8.42 -22.07 11.89
C ILE B 72 8.36 -23.38 12.68
N SER B 73 7.32 -23.61 13.43
CA SER B 73 7.13 -24.85 14.20
C SER B 73 5.66 -25.01 14.55
N ARG B 74 5.23 -26.17 14.97
CA ARG B 74 3.79 -26.45 15.18
C ARG B 74 3.36 -27.35 16.32
N ASP B 75 2.14 -27.03 16.88
CA ASP B 75 1.57 -27.91 17.94
C ASP B 75 0.09 -28.18 17.62
N ASP B 76 -0.18 -29.50 17.55
CA ASP B 76 -1.51 -30.01 17.08
C ASP B 76 -2.62 -29.42 17.90
N SER B 77 -3.78 -29.99 17.88
CA SER B 77 -5.05 -29.65 18.50
C SER B 77 -5.65 -28.28 18.16
N LYS B 78 -5.98 -27.50 19.20
CA LYS B 78 -6.39 -26.06 18.90
C LYS B 78 -4.93 -25.66 18.60
N SER B 79 -4.65 -26.17 17.41
CA SER B 79 -3.32 -26.26 16.81
C SER B 79 -2.82 -24.87 16.49
N SER B 80 -1.64 -24.61 17.06
CA SER B 80 -1.03 -23.25 16.82
C SER B 80 0.37 -23.50 16.27
N VAL B 81 0.60 -22.87 15.13
CA VAL B 81 1.89 -22.88 14.44
C VAL B 81 2.51 -21.50 14.87
N TYR B 82 3.80 -21.43 14.69
CA TYR B 82 4.56 -20.31 15.24
C TYR B 82 5.79 -19.99 14.40
N LEU B 83 5.96 -18.69 14.18
CA LEU B 83 7.19 -18.22 13.45
C LEU B 83 7.97 -17.48 14.56
N GLN B 84 9.26 -17.42 14.36
CA GLN B 84 10.14 -16.96 15.50
C GLN B 84 11.24 -16.17 14.80
N MET B 85 11.05 -14.87 14.84
CA MET B 85 11.80 -13.82 14.17
C MET B 85 12.73 -13.12 15.15
N ASN B 86 13.22 -13.95 16.05
CA ASN B 86 14.28 -13.50 17.03
C ASN B 86 15.35 -13.10 16.04
N ASN B 87 15.44 -11.83 15.71
CA ASN B 87 16.51 -11.41 14.74
C ASN B 87 15.98 -10.41 13.73
N LEU B 88 14.80 -9.89 14.02
CA LEU B 88 14.18 -8.95 13.02
C LEU B 88 15.20 -7.94 12.54
N ARG B 89 15.25 -7.85 11.24
CA ARG B 89 16.01 -6.92 10.39
C ARG B 89 14.82 -6.21 9.73
N VAL B 90 14.54 -5.01 10.08
CA VAL B 90 13.39 -4.24 9.62
C VAL B 90 12.85 -4.53 8.26
N GLU B 91 13.50 -4.56 7.11
CA GLU B 91 12.87 -4.94 5.84
C GLU B 91 11.93 -6.15 5.98
N ASP B 92 12.01 -6.79 7.14
CA ASP B 92 11.18 -7.95 7.49
C ASP B 92 9.76 -7.51 7.83
N MET B 93 9.50 -6.25 7.59
CA MET B 93 8.31 -5.55 8.10
C MET B 93 7.13 -5.41 7.17
N GLY B 94 6.09 -6.16 7.52
CA GLY B 94 4.85 -6.18 6.67
C GLY B 94 3.75 -6.78 7.54
N ILE B 95 2.82 -7.42 6.89
CA ILE B 95 1.83 -8.26 7.59
C ILE B 95 2.41 -9.69 7.28
N TYR B 96 2.34 -10.46 8.34
CA TYR B 96 2.81 -11.86 8.22
C TYR B 96 1.45 -12.61 8.31
N TYR B 97 1.31 -13.50 7.34
CA TYR B 97 0.13 -14.30 7.15
C TYR B 97 0.49 -15.77 7.46
N CYS B 98 -0.53 -16.38 8.00
CA CYS B 98 -0.56 -17.78 8.37
C CYS B 98 -1.49 -18.51 7.37
N THR B 99 -1.05 -19.72 7.03
CA THR B 99 -1.76 -20.47 5.99
C THR B 99 -1.71 -21.98 6.13
N GLY B 100 -2.89 -22.53 5.82
CA GLY B 100 -2.99 -24.03 5.76
C GLY B 100 -2.84 -24.53 4.31
N SER B 101 -2.61 -25.83 4.23
CA SER B 101 -2.68 -26.43 2.83
C SER B 101 -3.30 -27.80 2.94
N TYR B 102 -3.44 -28.48 1.82
CA TYR B 102 -4.26 -29.70 1.79
C TYR B 102 -4.68 -30.06 0.38
N TYR B 103 -4.11 -31.10 -0.11
CA TYR B 103 -4.43 -31.68 -1.43
C TYR B 103 -4.11 -30.69 -2.49
N GLY B 104 -4.93 -29.70 -2.72
CA GLY B 104 -4.48 -28.61 -3.62
C GLY B 104 -4.78 -27.23 -3.09
N MET B 105 -5.66 -27.13 -2.11
CA MET B 105 -6.21 -25.78 -1.79
C MET B 105 -5.43 -25.12 -0.68
N ASP B 106 -6.02 -24.11 -0.07
CA ASP B 106 -5.54 -23.50 1.14
C ASP B 106 -6.25 -22.16 1.47
N TYR B 107 -6.17 -21.94 2.80
CA TYR B 107 -6.67 -20.66 3.32
C TYR B 107 -5.57 -19.97 4.13
N TRP B 108 -5.79 -18.68 4.12
CA TRP B 108 -5.01 -17.59 4.66
C TRP B 108 -5.63 -16.96 5.90
N GLY B 109 -4.77 -16.26 6.62
CA GLY B 109 -5.10 -15.52 7.82
C GLY B 109 -5.83 -14.22 7.48
N GLN B 110 -5.75 -13.33 8.45
CA GLN B 110 -6.32 -11.97 8.38
C GLN B 110 -4.95 -11.18 8.45
N GLY B 111 -4.01 -12.00 8.90
CA GLY B 111 -2.63 -11.58 9.12
C GLY B 111 -2.32 -10.70 10.32
N THR B 112 -1.11 -10.88 10.85
CA THR B 112 -0.58 -10.05 11.94
C THR B 112 0.51 -9.09 11.48
N SER B 113 0.26 -7.81 11.79
CA SER B 113 1.15 -6.71 11.42
C SER B 113 2.39 -6.54 12.34
N VAL B 114 3.48 -6.32 11.62
CA VAL B 114 4.82 -6.17 12.12
C VAL B 114 5.52 -4.96 11.44
N THR B 115 5.85 -4.08 12.41
CA THR B 115 6.50 -2.79 12.13
C THR B 115 7.78 -2.85 12.98
N VAL B 116 8.87 -2.35 12.48
CA VAL B 116 10.12 -2.41 13.25
C VAL B 116 11.01 -1.19 13.11
N SER B 117 11.23 -0.55 14.27
CA SER B 117 12.03 0.73 14.25
C SER B 117 12.71 1.00 15.58
N SER B 118 13.66 1.95 15.51
CA SER B 118 14.43 2.30 16.75
C SER B 118 13.83 3.61 17.34
N ALA B 119 12.99 4.20 16.52
CA ALA B 119 12.20 5.37 16.85
C ALA B 119 11.40 4.98 18.11
N LYS B 120 10.71 5.98 18.59
CA LYS B 120 10.13 6.03 19.95
C LYS B 120 8.80 6.76 19.90
N THR B 121 7.87 6.41 20.80
CA THR B 121 6.49 6.91 20.51
C THR B 121 6.59 8.44 20.59
N THR B 122 6.55 9.01 19.37
CA THR B 122 6.75 10.47 19.23
C THR B 122 5.39 11.10 19.02
N ALA B 123 5.40 12.30 18.54
CA ALA B 123 4.17 13.08 18.27
C ALA B 123 4.44 13.88 16.99
N PRO B 124 3.36 14.11 16.27
CA PRO B 124 3.38 14.83 15.03
C PRO B 124 3.35 16.34 15.22
N SER B 125 4.21 17.02 14.47
CA SER B 125 4.04 18.50 14.29
C SER B 125 3.06 18.64 13.11
N VAL B 126 2.03 19.43 13.28
CA VAL B 126 1.01 19.72 12.28
C VAL B 126 0.94 21.17 11.79
N TYR B 127 1.05 21.32 10.47
CA TYR B 127 1.11 22.55 9.71
C TYR B 127 -0.11 22.75 8.82
N PRO B 128 -0.45 24.03 8.65
CA PRO B 128 -1.58 24.48 7.82
C PRO B 128 -1.24 25.07 6.47
N LEU B 129 -1.45 24.34 5.39
CA LEU B 129 -1.02 24.68 4.05
C LEU B 129 -2.08 25.40 3.19
N ALA B 130 -1.99 26.71 3.23
CA ALA B 130 -2.76 27.71 2.60
C ALA B 130 -2.48 28.06 1.13
N PRO B 131 -3.59 28.05 0.37
CA PRO B 131 -3.51 28.39 -1.07
C PRO B 131 -2.65 29.64 -1.12
N VAL B 132 -1.41 29.44 -1.58
CA VAL B 132 -0.47 30.61 -1.38
C VAL B 132 0.03 31.25 -2.61
N CYS B 133 0.48 30.56 -3.63
CA CYS B 133 0.91 31.30 -4.87
C CYS B 133 0.23 30.60 -6.06
N GLY B 134 -1.04 30.26 -5.82
CA GLY B 134 -1.73 29.41 -6.81
C GLY B 134 -3.00 30.00 -7.35
N ASP B 135 -3.34 29.48 -8.51
CA ASP B 135 -4.52 29.87 -9.33
C ASP B 135 -5.76 29.07 -8.99
N THR B 136 -5.87 27.77 -9.12
CA THR B 136 -7.11 27.05 -8.72
C THR B 136 -7.70 27.92 -7.57
N THR B 137 -6.86 28.02 -6.56
CA THR B 137 -7.07 29.02 -5.47
C THR B 137 -8.29 29.86 -5.76
N GLY B 138 -8.04 30.99 -6.43
CA GLY B 138 -9.03 31.98 -6.84
C GLY B 138 -10.39 31.44 -7.24
N SER B 139 -10.44 30.57 -8.25
CA SER B 139 -11.75 29.90 -8.56
C SER B 139 -12.06 28.90 -7.43
N SER B 140 -11.40 27.77 -7.46
CA SER B 140 -11.39 26.62 -6.64
C SER B 140 -10.11 26.59 -5.77
N VAL B 141 -10.36 26.58 -4.48
CA VAL B 141 -9.20 26.68 -3.51
C VAL B 141 -9.02 25.35 -2.81
N THR B 142 -7.79 24.82 -2.89
CA THR B 142 -7.34 23.64 -2.21
C THR B 142 -6.30 24.21 -1.14
N LEU B 143 -6.55 23.59 -0.01
CA LEU B 143 -5.73 23.81 1.19
C LEU B 143 -5.29 22.42 1.65
N GLY B 144 -4.04 22.25 1.96
CA GLY B 144 -3.59 20.96 2.54
C GLY B 144 -3.18 21.20 4.01
N CYS B 145 -3.18 20.12 4.75
CA CYS B 145 -2.74 20.05 6.15
C CYS B 145 -1.61 19.00 6.18
N LEU B 146 -0.42 19.45 6.61
CA LEU B 146 0.72 18.50 6.71
C LEU B 146 0.90 18.10 8.15
N VAL B 147 1.03 16.82 8.46
CA VAL B 147 1.21 16.33 9.84
C VAL B 147 2.37 15.32 9.79
N LYS B 148 3.42 15.67 10.48
CA LYS B 148 4.70 14.96 10.37
C LYS B 148 5.38 14.58 11.65
N GLY B 149 6.48 13.82 11.45
CA GLY B 149 7.38 13.34 12.48
C GLY B 149 6.68 12.76 13.71
N TYR B 150 5.48 12.26 13.54
CA TYR B 150 4.75 11.56 14.58
C TYR B 150 5.12 10.08 14.35
N PHE B 151 4.73 9.28 15.30
CA PHE B 151 4.92 7.87 15.44
C PHE B 151 4.16 7.47 16.76
N PRO B 152 3.53 6.34 16.71
CA PRO B 152 3.40 5.40 15.60
C PRO B 152 2.12 5.52 14.79
N GLU B 153 2.02 4.86 13.70
CA GLU B 153 1.02 4.64 12.73
C GLU B 153 -0.39 5.16 12.70
N PRO B 154 -1.09 5.21 13.83
CA PRO B 154 -2.48 5.62 13.88
C PRO B 154 -3.02 7.00 14.15
N VAL B 155 -2.61 8.08 13.50
CA VAL B 155 -3.10 9.41 13.60
C VAL B 155 -4.38 9.61 12.72
N THR B 156 -5.11 10.63 13.11
CA THR B 156 -6.44 10.87 12.49
C THR B 156 -6.53 12.28 12.00
N LEU B 157 -6.68 12.46 10.68
CA LEU B 157 -6.99 13.87 10.20
C LEU B 157 -8.52 13.96 10.14
N THR B 158 -9.04 15.12 9.89
CA THR B 158 -10.47 15.44 9.97
C THR B 158 -10.55 16.91 9.57
N TRP B 159 -11.67 17.33 9.01
CA TRP B 159 -11.77 18.69 8.48
C TRP B 159 -12.81 19.57 9.17
N ASN B 160 -12.93 20.81 8.62
CA ASN B 160 -13.88 21.78 9.07
C ASN B 160 -14.02 23.18 8.52
N SER B 161 -15.15 23.79 8.89
CA SER B 161 -15.39 25.24 8.62
C SER B 161 -15.88 25.59 7.27
N GLY B 162 -15.72 26.85 6.85
CA GLY B 162 -16.20 27.20 5.44
C GLY B 162 -17.71 26.82 5.57
N SER B 163 -18.07 25.79 4.80
CA SER B 163 -19.39 25.25 4.87
C SER B 163 -20.01 24.49 3.73
N LEU B 164 -19.38 23.55 3.01
CA LEU B 164 -20.17 22.73 2.08
C LEU B 164 -19.58 21.34 1.77
N SER B 165 -19.91 20.91 0.56
CA SER B 165 -19.49 19.69 -0.09
C SER B 165 -18.17 19.95 -0.82
N SER B 166 -17.11 19.40 -0.26
CA SER B 166 -15.76 19.74 -0.83
C SER B 166 -14.94 18.47 -0.91
N GLY B 167 -13.79 18.62 -1.59
CA GLY B 167 -13.05 17.44 -2.09
C GLY B 167 -11.81 17.25 -1.25
N VAL B 168 -11.98 16.37 -0.28
CA VAL B 168 -10.92 16.03 0.67
C VAL B 168 -10.26 14.81 -0.01
N HIS B 169 -8.95 14.88 -0.02
CA HIS B 169 -8.17 13.71 -0.55
C HIS B 169 -6.97 13.71 0.35
N THR B 170 -7.01 12.79 1.31
CA THR B 170 -5.97 12.61 2.34
C THR B 170 -5.13 11.36 2.10
N PHE B 171 -3.83 11.48 1.96
CA PHE B 171 -3.05 10.29 1.43
C PHE B 171 -2.50 9.37 2.47
N PRO B 172 -2.16 8.17 1.99
CA PRO B 172 -1.63 7.12 2.95
C PRO B 172 -0.39 7.74 3.54
N ALA B 173 -0.24 7.48 4.84
CA ALA B 173 0.92 8.12 5.56
C ALA B 173 2.12 7.32 5.03
N VAL B 174 3.29 7.84 5.20
CA VAL B 174 4.49 7.09 4.76
C VAL B 174 5.52 7.26 5.87
N LEU B 175 6.41 6.33 5.93
CA LEU B 175 7.50 6.21 6.86
C LEU B 175 8.78 6.85 6.34
N GLN B 176 9.07 7.99 6.96
CA GLN B 176 10.19 8.86 6.72
C GLN B 176 11.33 8.46 7.69
N SER B 177 12.37 7.92 7.09
CA SER B 177 13.55 7.63 8.05
C SER B 177 12.80 6.88 9.13
N ASP B 178 12.69 7.35 10.36
CA ASP B 178 11.98 6.48 11.35
C ASP B 178 10.66 6.92 11.91
N LEU B 179 9.94 7.79 11.22
CA LEU B 179 8.62 8.27 11.69
C LEU B 179 7.73 8.61 10.52
N TYR B 180 6.41 8.65 10.73
CA TYR B 180 5.44 8.92 9.69
C TYR B 180 5.09 10.37 9.35
N THR B 181 4.72 10.49 8.09
CA THR B 181 4.43 11.89 7.55
C THR B 181 3.18 11.72 6.77
N LEU B 182 2.23 12.61 6.96
CA LEU B 182 0.90 12.62 6.37
C LEU B 182 0.41 14.01 5.92
N SER B 183 -0.62 13.99 5.07
CA SER B 183 -1.20 15.20 4.50
C SER B 183 -2.60 14.96 3.97
N SER B 184 -3.31 16.07 3.93
CA SER B 184 -4.75 16.10 3.57
C SER B 184 -5.05 17.31 2.72
N SER B 185 -6.05 17.22 1.81
CA SER B 185 -6.47 18.51 1.20
C SER B 185 -7.95 18.63 0.92
N VAL B 186 -8.39 19.92 0.87
CA VAL B 186 -9.74 20.22 0.40
C VAL B 186 -9.75 21.25 -0.78
N THR B 187 -10.34 20.70 -1.87
CA THR B 187 -10.69 21.67 -2.97
C THR B 187 -12.09 22.06 -2.45
N VAL B 188 -12.21 23.31 -2.09
CA VAL B 188 -13.36 23.96 -1.51
C VAL B 188 -13.49 25.25 -2.32
N THR B 189 -14.60 25.92 -2.30
CA THR B 189 -14.86 27.07 -3.14
C THR B 189 -14.05 28.34 -2.87
N SER B 190 -13.82 29.03 -3.98
CA SER B 190 -13.22 30.29 -4.23
C SER B 190 -12.76 31.30 -3.19
N SER B 191 -13.82 31.84 -2.62
CA SER B 191 -13.78 32.93 -1.60
C SER B 191 -15.10 32.75 -0.87
N THR B 192 -16.13 32.28 -1.59
CA THR B 192 -17.40 32.04 -0.82
C THR B 192 -16.88 31.38 0.47
N TRP B 193 -16.27 30.23 0.24
CA TRP B 193 -15.97 29.30 1.41
C TRP B 193 -14.74 29.80 2.11
N PRO B 194 -13.91 30.48 1.33
CA PRO B 194 -12.67 31.12 1.82
C PRO B 194 -12.93 32.11 2.93
N SER B 195 -13.84 33.00 2.61
CA SER B 195 -14.42 34.06 3.39
C SER B 195 -15.13 33.39 4.56
N GLN B 196 -15.91 32.31 4.27
CA GLN B 196 -16.35 31.65 5.61
C GLN B 196 -15.06 30.93 6.07
N SER B 197 -15.00 29.63 6.24
CA SER B 197 -13.80 29.09 6.89
C SER B 197 -13.34 27.67 6.61
N ILE B 198 -12.47 27.23 7.55
CA ILE B 198 -11.91 25.86 7.41
C ILE B 198 -10.69 25.64 8.29
N THR B 199 -10.93 24.64 9.16
CA THR B 199 -10.09 24.13 10.21
C THR B 199 -9.73 22.63 10.06
N CYS B 200 -8.41 22.45 10.03
CA CYS B 200 -7.77 21.13 10.01
C CYS B 200 -7.67 20.56 11.43
N ASN B 201 -8.24 19.39 11.62
CA ASN B 201 -8.38 18.77 12.94
C ASN B 201 -7.69 17.43 13.03
N VAL B 202 -6.57 17.33 13.72
CA VAL B 202 -5.69 16.17 13.77
C VAL B 202 -5.56 15.60 15.17
N ALA B 203 -5.31 14.31 15.29
CA ALA B 203 -5.23 13.71 16.67
C ALA B 203 -4.49 12.40 16.73
N HIS B 204 -3.71 12.21 17.80
CA HIS B 204 -3.02 10.82 17.89
C HIS B 204 -3.34 10.14 19.20
N PRO B 205 -4.24 9.15 19.05
CA PRO B 205 -4.68 8.32 20.23
C PRO B 205 -3.34 7.76 20.74
N ALA B 206 -2.72 7.15 19.73
CA ALA B 206 -1.41 6.52 19.83
C ALA B 206 -0.57 7.16 20.91
N SER B 207 -1.07 8.21 21.53
CA SER B 207 -0.28 8.71 22.73
C SER B 207 -0.29 10.22 22.53
N SER B 208 0.82 10.87 22.78
CA SER B 208 0.78 12.34 22.72
C SER B 208 -0.70 12.75 22.70
N THR B 209 -1.01 13.50 21.60
CA THR B 209 -2.28 14.24 21.55
C THR B 209 -2.85 14.63 20.22
N LYS B 210 -4.02 15.26 20.24
CA LYS B 210 -4.69 15.80 19.06
C LYS B 210 -4.53 17.33 18.98
N VAL B 211 -4.01 17.82 17.86
CA VAL B 211 -3.84 19.23 17.62
C VAL B 211 -4.82 19.68 16.50
N ASP B 212 -4.97 20.98 16.46
CA ASP B 212 -5.79 21.69 15.49
C ASP B 212 -4.88 22.73 14.79
N LYS B 213 -5.12 22.82 13.49
CA LYS B 213 -4.39 23.87 12.69
C LYS B 213 -5.55 24.44 11.90
N LYS B 214 -5.46 25.70 11.57
CA LYS B 214 -6.63 26.47 11.04
C LYS B 214 -6.09 27.30 9.87
N ILE B 215 -6.87 27.19 8.77
CA ILE B 215 -6.22 27.92 7.57
C ILE B 215 -6.51 29.36 7.88
N GLU B 216 -5.45 30.12 8.19
CA GLU B 216 -5.63 31.59 8.31
C GLU B 216 -6.17 32.10 9.59
#